data_6AOJ
#
_entry.id   6AOJ
#
_cell.length_a   78.970
_cell.length_b   75.923
_cell.length_c   47.911
_cell.angle_alpha   90.00
_cell.angle_beta   104.17
_cell.angle_gamma   90.00
#
_symmetry.space_group_name_H-M   'C 1 2 1'
#
loop_
_entity.id
_entity.type
_entity.pdbx_description
1 polymer Ceg4
2 non-polymer 'MAGNESIUM ION'
3 non-polymer 'CHLORIDE ION'
4 water water
#
_entity_poly.entity_id   1
_entity_poly.type   'polypeptide(L)'
_entity_poly.pdbx_seq_one_letter_code
;TGYVSTMPKVIIFTDFDGTVTGKSGNETVFTEFYQSLLQGYKKDVEQDYKNTPMKDPIEAQALFEAKYGKYNENFDHDQQ
DVDFLMSPEAVAFFHEVLKNDDVTVNIVTKNRAEYIKAVFKYQGFSDEEISKLTILESGYKFNDVNSRLNHPTERANRVY
ILDDSPTDYAEMLRAVKGKGYNEEEIRGYRKNPGEFEWSQYLEDVREMFPPKEN
;
_entity_poly.pdbx_strand_id   A
#
loop_
_chem_comp.id
_chem_comp.type
_chem_comp.name
_chem_comp.formula
CL non-polymer 'CHLORIDE ION' 'Cl -1'
MG non-polymer 'MAGNESIUM ION' 'Mg 2'
#
# COMPACT_ATOMS: atom_id res chain seq x y z
N THR A 1 -7.08 1.26 37.26
CA THR A 1 -6.21 1.92 38.24
C THR A 1 -6.05 3.38 37.92
N GLY A 2 -5.87 3.65 36.63
CA GLY A 2 -5.74 5.00 36.14
C GLY A 2 -6.56 5.17 34.89
N TYR A 3 -6.42 6.33 34.25
CA TYR A 3 -7.17 6.61 33.05
C TYR A 3 -6.71 5.70 31.90
N VAL A 4 -7.64 5.46 30.97
CA VAL A 4 -7.38 4.62 29.79
C VAL A 4 -7.97 5.34 28.60
N SER A 5 -7.21 5.38 27.52
CA SER A 5 -7.64 6.06 26.31
C SER A 5 -8.83 5.36 25.66
N THR A 6 -9.80 6.16 25.25
CA THR A 6 -11.01 5.67 24.59
C THR A 6 -10.90 5.77 23.07
N MET A 7 -9.75 6.22 22.56
CA MET A 7 -9.55 6.31 21.13
C MET A 7 -9.71 4.93 20.50
N PRO A 8 -10.38 4.83 19.35
CA PRO A 8 -10.47 3.55 18.67
C PRO A 8 -9.13 3.12 18.10
N LYS A 9 -8.98 1.82 17.90
CA LYS A 9 -7.79 1.28 17.26
C LYS A 9 -8.18 0.69 15.89
N VAL A 10 -7.54 1.19 14.82
CA VAL A 10 -7.87 0.80 13.46
C VAL A 10 -6.64 0.21 12.81
N ILE A 11 -6.80 -0.94 12.17
CA ILE A 11 -5.71 -1.63 11.48
C ILE A 11 -6.11 -1.73 10.02
N ILE A 12 -5.18 -1.41 9.13
CA ILE A 12 -5.41 -1.53 7.69
C ILE A 12 -4.43 -2.56 7.11
N PHE A 13 -4.98 -3.54 6.40
CA PHE A 13 -4.19 -4.46 5.59
C PHE A 13 -4.56 -4.19 4.15
N THR A 14 -3.61 -3.65 3.38
CA THR A 14 -3.93 -3.28 2.02
C THR A 14 -2.88 -3.84 1.07
N ASP A 15 -3.36 -4.35 -0.06
CA ASP A 15 -2.53 -4.65 -1.20
C ASP A 15 -1.94 -3.35 -1.74
N PHE A 16 -0.88 -3.45 -2.56
CA PHE A 16 -0.32 -2.25 -3.18
C PHE A 16 -0.68 -2.18 -4.66
N ASP A 17 -0.13 -3.08 -5.48
CA ASP A 17 -0.34 -2.99 -6.93
C ASP A 17 -1.77 -3.33 -7.33
N GLY A 18 -2.45 -2.41 -7.98
CA GLY A 18 -3.80 -2.61 -8.41
C GLY A 18 -4.84 -2.24 -7.38
N THR A 19 -4.41 -1.88 -6.18
CA THR A 19 -5.28 -1.45 -5.08
C THR A 19 -4.96 -0.01 -4.71
N VAL A 20 -3.74 0.24 -4.26
CA VAL A 20 -3.27 1.61 -4.06
C VAL A 20 -2.91 2.23 -5.41
N THR A 21 -2.21 1.50 -6.29
CA THR A 21 -2.04 1.91 -7.70
C THR A 21 -3.17 1.39 -8.59
N GLY A 22 -3.16 1.83 -9.84
CA GLY A 22 -4.22 1.41 -10.71
C GLY A 22 -3.80 0.28 -11.64
N LYS A 23 -2.69 -0.39 -11.38
CA LYS A 23 -2.27 -1.46 -12.28
C LYS A 23 -2.03 -2.73 -11.48
N SER A 24 -2.37 -3.88 -12.04
CA SER A 24 -2.14 -5.09 -11.25
C SER A 24 -0.64 -5.37 -11.13
N GLY A 25 -0.27 -6.14 -10.11
CA GLY A 25 1.14 -6.46 -9.93
C GLY A 25 1.74 -7.19 -11.11
N ASN A 26 0.98 -8.16 -11.68
CA ASN A 26 1.49 -8.90 -12.83
C ASN A 26 1.70 -7.97 -14.01
N GLU A 27 0.97 -6.86 -14.07
CA GLU A 27 1.11 -5.90 -15.16
C GLU A 27 2.10 -4.78 -14.83
N THR A 28 2.76 -4.85 -13.69
CA THR A 28 3.72 -3.82 -13.25
C THR A 28 5.17 -4.29 -13.34
N VAL A 29 5.50 -5.44 -12.75
CA VAL A 29 6.90 -5.74 -12.43
C VAL A 29 7.72 -6.22 -13.64
N PHE A 30 7.09 -6.57 -14.76
CA PHE A 30 7.82 -6.97 -15.96
C PHE A 30 7.84 -5.87 -17.02
N THR A 31 7.31 -4.68 -16.70
CA THR A 31 7.37 -3.55 -17.63
C THR A 31 8.80 -3.03 -17.75
N GLU A 32 9.07 -2.33 -18.86
CA GLU A 32 10.38 -1.72 -19.01
C GLU A 32 10.68 -0.74 -17.89
N PHE A 33 9.67 0.04 -17.44
CA PHE A 33 9.96 1.01 -16.39
C PHE A 33 10.39 0.32 -15.09
N TYR A 34 9.60 -0.66 -14.63
CA TYR A 34 10.00 -1.36 -13.41
C TYR A 34 11.37 -1.98 -13.55
N GLN A 35 11.61 -2.68 -14.68
CA GLN A 35 12.88 -3.35 -14.89
C GLN A 35 14.06 -2.36 -14.96
N SER A 36 13.84 -1.13 -15.45
CA SER A 36 14.88 -0.10 -15.47
C SER A 36 15.32 0.32 -14.06
N LEU A 37 14.54 -0.01 -13.03
CA LEU A 37 14.93 0.36 -11.67
C LEU A 37 15.87 -0.67 -11.03
N LEU A 38 16.19 -1.76 -11.73
CA LEU A 38 17.00 -2.85 -11.19
C LEU A 38 18.43 -2.69 -11.68
N GLN A 39 19.41 -2.95 -10.80
CA GLN A 39 20.79 -2.89 -11.21
C GLN A 39 21.07 -3.85 -12.37
N GLY A 40 21.90 -3.42 -13.31
CA GLY A 40 22.19 -4.26 -14.44
C GLY A 40 21.14 -4.25 -15.53
N TYR A 41 20.14 -3.37 -15.44
CA TYR A 41 19.12 -3.25 -16.47
C TYR A 41 19.71 -3.15 -17.87
N LYS A 42 19.21 -3.99 -18.77
CA LYS A 42 19.45 -3.86 -20.21
C LYS A 42 18.10 -3.89 -20.92
N LYS A 43 17.88 -2.96 -21.85
CA LYS A 43 16.55 -2.83 -22.44
C LYS A 43 16.08 -4.14 -23.07
N ASP A 44 14.81 -4.47 -22.85
CA ASP A 44 14.14 -5.67 -23.37
C ASP A 44 14.74 -6.96 -22.82
N VAL A 45 15.48 -6.88 -21.72
CA VAL A 45 15.95 -8.05 -20.98
C VAL A 45 15.21 -8.05 -19.65
N GLU A 46 14.72 -9.22 -19.23
CA GLU A 46 14.01 -9.34 -17.97
CA GLU A 46 14.00 -9.36 -17.97
C GLU A 46 14.90 -9.98 -16.91
N GLN A 47 15.00 -9.31 -15.76
CA GLN A 47 15.67 -9.87 -14.58
C GLN A 47 14.63 -10.18 -13.51
N ASP A 48 14.97 -11.13 -12.63
CA ASP A 48 14.14 -11.48 -11.48
C ASP A 48 13.70 -10.22 -10.74
N TYR A 49 12.40 -9.91 -10.76
CA TYR A 49 11.94 -8.61 -10.31
C TYR A 49 12.08 -8.47 -8.80
N LYS A 50 12.08 -9.58 -8.08
CA LYS A 50 12.00 -9.56 -6.63
C LYS A 50 13.38 -9.54 -5.98
N ASN A 51 14.34 -10.27 -6.53
CA ASN A 51 15.61 -10.53 -5.87
C ASN A 51 16.80 -9.83 -6.52
N THR A 52 16.62 -9.19 -7.66
CA THR A 52 17.71 -8.42 -8.24
C THR A 52 17.90 -7.16 -7.41
N PRO A 53 19.14 -6.78 -7.07
CA PRO A 53 19.33 -5.52 -6.32
C PRO A 53 18.76 -4.33 -7.09
N MET A 54 18.11 -3.42 -6.37
CA MET A 54 17.55 -2.25 -7.01
C MET A 54 18.59 -1.13 -7.08
N LYS A 55 18.46 -0.29 -8.10
CA LYS A 55 19.26 0.93 -8.17
C LYS A 55 19.02 1.78 -6.94
N ASP A 56 20.01 2.59 -6.56
CA ASP A 56 19.91 3.29 -5.28
C ASP A 56 18.76 4.31 -5.32
N PRO A 57 18.22 4.69 -4.15
CA PRO A 57 16.98 5.49 -4.15
C PRO A 57 17.10 6.85 -4.83
N ILE A 58 18.29 7.43 -4.86
CA ILE A 58 18.47 8.70 -5.56
C ILE A 58 18.28 8.50 -7.07
N GLU A 59 18.86 7.43 -7.63
CA GLU A 59 18.68 7.17 -9.06
C GLU A 59 17.26 6.73 -9.37
N ALA A 60 16.64 5.92 -8.49
CA ALA A 60 15.23 5.59 -8.68
C ALA A 60 14.39 6.85 -8.82
N GLN A 61 14.62 7.83 -7.93
CA GLN A 61 13.86 9.07 -8.00
C GLN A 61 14.11 9.77 -9.34
N ALA A 62 15.36 9.80 -9.80
CA ALA A 62 15.64 10.41 -11.11
C ALA A 62 14.89 9.69 -12.22
N LEU A 63 14.75 8.36 -12.12
CA LEU A 63 14.04 7.64 -13.17
C LEU A 63 12.54 7.92 -13.13
N PHE A 64 11.95 8.02 -11.94
CA PHE A 64 10.55 8.43 -11.82
C PHE A 64 10.35 9.82 -12.41
N GLU A 65 11.24 10.76 -12.08
CA GLU A 65 11.09 12.12 -12.57
C GLU A 65 11.14 12.18 -14.08
N ALA A 66 12.06 11.45 -14.69
CA ALA A 66 12.14 11.49 -16.15
C ALA A 66 10.88 10.88 -16.78
N LYS A 67 10.30 9.88 -16.12
CA LYS A 67 9.11 9.24 -16.68
C LYS A 67 7.89 10.15 -16.56
N TYR A 68 7.68 10.72 -15.38
CA TYR A 68 6.40 11.33 -15.06
C TYR A 68 6.44 12.84 -14.92
N GLY A 69 7.63 13.46 -14.96
CA GLY A 69 7.76 14.87 -14.63
C GLY A 69 7.84 15.07 -13.12
N LYS A 70 8.02 16.32 -12.69
CA LYS A 70 8.00 16.59 -11.25
C LYS A 70 6.59 16.41 -10.70
N TYR A 71 6.49 15.83 -9.51
CA TYR A 71 5.20 15.60 -8.89
C TYR A 71 4.81 16.86 -8.15
N ASN A 72 4.38 17.86 -8.91
CA ASN A 72 3.97 19.09 -8.23
C ASN A 72 2.65 19.65 -8.77
N GLU A 73 2.51 20.97 -8.67
CA GLU A 73 1.30 21.64 -9.14
C GLU A 73 1.17 21.59 -10.66
N ASN A 74 2.26 21.37 -11.39
CA ASN A 74 2.23 21.23 -12.84
C ASN A 74 2.03 19.78 -13.30
N PHE A 75 1.83 18.85 -12.38
CA PHE A 75 1.82 17.43 -12.74
C PHE A 75 0.70 17.13 -13.73
N ASP A 76 1.00 16.27 -14.72
CA ASP A 76 0.05 15.88 -15.76
C ASP A 76 -0.68 14.62 -15.30
N HIS A 77 -1.87 14.77 -14.75
CA HIS A 77 -2.63 13.62 -14.27
C HIS A 77 -3.20 12.77 -15.40
N ASP A 78 -3.09 13.21 -16.64
CA ASP A 78 -3.65 12.48 -17.78
C ASP A 78 -2.59 11.86 -18.67
N GLN A 79 -1.32 11.89 -18.24
CA GLN A 79 -0.25 11.37 -19.07
C GLN A 79 -0.32 9.85 -19.12
N GLN A 80 0.35 9.27 -20.11
CA GLN A 80 0.38 7.83 -20.24
C GLN A 80 1.01 7.21 -19.00
N ASP A 81 0.52 6.02 -18.62
CA ASP A 81 1.09 5.21 -17.54
C ASP A 81 0.90 5.84 -16.17
N VAL A 82 0.06 6.86 -16.04
CA VAL A 82 -0.24 7.42 -14.72
C VAL A 82 -0.83 6.37 -13.80
N ASP A 83 -1.43 5.30 -14.35
CA ASP A 83 -2.04 4.26 -13.52
C ASP A 83 -1.04 3.39 -12.79
N PHE A 84 0.26 3.54 -13.04
CA PHE A 84 1.28 2.92 -12.19
C PHE A 84 1.53 3.69 -10.90
N LEU A 85 0.99 4.88 -10.74
CA LEU A 85 1.17 5.63 -9.51
C LEU A 85 -0.05 5.43 -8.63
N MET A 86 0.06 5.92 -7.39
CA MET A 86 -1.11 6.01 -6.53
C MET A 86 -2.03 7.09 -7.05
N SER A 87 -3.34 6.83 -7.01
CA SER A 87 -4.28 7.84 -7.43
C SER A 87 -4.23 9.01 -6.45
N PRO A 88 -4.65 10.21 -6.88
CA PRO A 88 -4.75 11.35 -5.95
C PRO A 88 -5.59 11.06 -4.71
N GLU A 89 -6.69 10.32 -4.88
CA GLU A 89 -7.57 9.98 -3.76
C GLU A 89 -6.86 9.05 -2.77
N ALA A 90 -6.04 8.15 -3.29
CA ALA A 90 -5.26 7.29 -2.41
C ALA A 90 -4.14 8.07 -1.72
N VAL A 91 -3.51 9.03 -2.42
CA VAL A 91 -2.48 9.88 -1.78
C VAL A 91 -3.09 10.68 -0.63
N ALA A 92 -4.24 11.30 -0.84
CA ALA A 92 -4.89 12.02 0.26
C ALA A 92 -5.21 11.09 1.43
N PHE A 93 -5.65 9.87 1.13
CA PHE A 93 -5.96 8.92 2.19
C PHE A 93 -4.74 8.61 3.03
N PHE A 94 -3.60 8.36 2.38
CA PHE A 94 -2.42 7.96 3.14
C PHE A 94 -1.79 9.15 3.88
N HIS A 95 -1.83 10.36 3.29
CA HIS A 95 -1.40 11.54 4.08
C HIS A 95 -2.16 11.65 5.40
N GLU A 96 -3.45 11.34 5.38
CA GLU A 96 -4.26 11.49 6.60
C GLU A 96 -3.99 10.37 7.59
N VAL A 97 -3.98 9.11 7.15
CA VAL A 97 -3.84 8.03 8.12
C VAL A 97 -2.39 7.85 8.58
N LEU A 98 -1.39 8.27 7.78
CA LEU A 98 0.01 8.28 8.20
C LEU A 98 0.34 9.43 9.16
N LYS A 99 -0.66 9.95 9.88
CA LYS A 99 -0.46 10.83 11.02
C LYS A 99 -1.44 10.59 12.16
N ASN A 100 -2.59 9.98 11.89
CA ASN A 100 -3.38 9.37 12.96
C ASN A 100 -2.62 8.16 13.47
N ASP A 101 -2.09 8.25 14.69
CA ASP A 101 -1.25 7.17 15.17
C ASP A 101 -2.07 6.04 15.77
N ASP A 102 -3.37 6.24 15.98
CA ASP A 102 -4.28 5.13 16.31
C ASP A 102 -4.72 4.36 15.08
N VAL A 103 -4.18 4.67 13.90
CA VAL A 103 -4.37 3.87 12.69
C VAL A 103 -3.04 3.26 12.32
N THR A 104 -3.01 1.92 12.19
CA THR A 104 -1.81 1.19 11.78
C THR A 104 -1.95 0.71 10.34
N VAL A 105 -0.99 1.05 9.48
CA VAL A 105 -1.07 0.74 8.05
C VAL A 105 -0.08 -0.37 7.71
N ASN A 106 -0.61 -1.50 7.18
CA ASN A 106 0.18 -2.65 6.78
C ASN A 106 -0.04 -2.87 5.30
N ILE A 107 1.03 -2.85 4.49
CA ILE A 107 0.92 -3.15 3.06
C ILE A 107 1.38 -4.59 2.88
N VAL A 108 0.55 -5.40 2.26
CA VAL A 108 0.76 -6.84 2.17
C VAL A 108 0.86 -7.16 0.68
N THR A 109 2.04 -7.61 0.24
CA THR A 109 2.39 -7.44 -1.16
C THR A 109 3.32 -8.55 -1.65
N LYS A 110 3.22 -8.88 -2.95
CA LYS A 110 4.28 -9.66 -3.60
C LYS A 110 5.31 -8.76 -4.26
N ASN A 111 5.13 -7.44 -4.17
CA ASN A 111 6.14 -6.49 -4.66
C ASN A 111 7.22 -6.38 -3.58
N ARG A 112 8.04 -5.32 -3.61
CA ARG A 112 9.12 -5.21 -2.63
C ARG A 112 9.18 -3.81 -2.03
N ALA A 113 9.69 -3.74 -0.80
CA ALA A 113 9.64 -2.50 -0.03
C ALA A 113 10.36 -1.37 -0.74
N GLU A 114 11.53 -1.66 -1.34
CA GLU A 114 12.29 -0.58 -1.97
C GLU A 114 11.49 0.12 -3.05
N TYR A 115 10.71 -0.64 -3.85
CA TYR A 115 9.89 -0.04 -4.90
C TYR A 115 8.76 0.80 -4.31
N ILE A 116 8.00 0.23 -3.36
CA ILE A 116 6.87 0.95 -2.80
C ILE A 116 7.34 2.24 -2.13
N LYS A 117 8.45 2.18 -1.40
CA LYS A 117 9.02 3.38 -0.79
C LYS A 117 9.41 4.43 -1.83
N ALA A 118 9.90 3.97 -2.97
CA ALA A 118 10.23 4.90 -4.05
C ALA A 118 8.98 5.56 -4.62
N VAL A 119 7.89 4.80 -4.77
CA VAL A 119 6.64 5.39 -5.25
C VAL A 119 6.13 6.42 -4.27
N PHE A 120 6.03 6.05 -3.00
CA PHE A 120 5.64 7.02 -1.97
C PHE A 120 6.57 8.24 -1.98
N LYS A 121 7.88 8.00 -1.98
CA LYS A 121 8.80 9.13 -1.99
C LYS A 121 8.55 10.02 -3.22
N TYR A 122 8.39 9.41 -4.39
CA TYR A 122 8.20 10.23 -5.59
C TYR A 122 6.90 11.07 -5.50
N GLN A 123 5.84 10.51 -4.91
CA GLN A 123 4.58 11.25 -4.82
C GLN A 123 4.46 12.11 -3.56
N GLY A 124 5.58 12.50 -2.97
CA GLY A 124 5.55 13.57 -2.00
C GLY A 124 5.49 13.19 -0.55
N PHE A 125 5.61 11.90 -0.20
CA PHE A 125 5.61 11.55 1.22
C PHE A 125 7.00 11.72 1.84
N SER A 126 7.01 12.10 3.12
CA SER A 126 8.26 12.34 3.84
C SER A 126 8.83 11.02 4.36
N ASP A 127 10.12 11.06 4.75
CA ASP A 127 10.74 9.86 5.31
C ASP A 127 10.03 9.42 6.58
N GLU A 128 9.55 10.37 7.38
CA GLU A 128 8.83 10.03 8.61
C GLU A 128 7.53 9.31 8.29
N GLU A 129 6.77 9.83 7.32
CA GLU A 129 5.52 9.20 6.92
C GLU A 129 5.76 7.76 6.44
N ILE A 130 6.75 7.58 5.54
CA ILE A 130 7.03 6.26 4.98
C ILE A 130 7.47 5.29 6.08
N SER A 131 8.11 5.80 7.13
CA SER A 131 8.53 4.92 8.24
CA SER A 131 8.53 4.97 8.27
C SER A 131 7.35 4.43 9.06
N LYS A 132 6.17 5.01 8.91
CA LYS A 132 5.00 4.52 9.62
C LYS A 132 4.30 3.41 8.86
N LEU A 133 4.74 3.11 7.63
CA LEU A 133 4.23 1.96 6.88
C LEU A 133 4.90 0.69 7.38
N THR A 134 4.14 -0.40 7.43
CA THR A 134 4.74 -1.70 7.64
C THR A 134 4.52 -2.47 6.35
N ILE A 135 5.59 -2.95 5.73
CA ILE A 135 5.48 -3.61 4.42
C ILE A 135 5.78 -5.08 4.61
N LEU A 136 4.79 -5.92 4.36
CA LEU A 136 4.90 -7.36 4.53
C LEU A 136 4.98 -7.97 3.15
N GLU A 137 6.14 -8.53 2.81
CA GLU A 137 6.39 -8.81 1.39
C GLU A 137 6.86 -10.24 1.16
N SER A 138 6.47 -11.16 2.04
CA SER A 138 6.84 -12.55 1.77
C SER A 138 6.10 -13.10 0.56
N GLY A 139 4.96 -12.53 0.20
CA GLY A 139 4.11 -13.09 -0.83
C GLY A 139 3.07 -14.07 -0.32
N TYR A 140 3.12 -14.47 0.94
CA TYR A 140 2.18 -15.41 1.54
C TYR A 140 1.24 -14.61 2.44
N LYS A 141 0.10 -14.17 1.90
CA LYS A 141 -0.64 -13.10 2.56
C LYS A 141 -1.38 -13.58 3.80
N PHE A 142 -1.87 -14.83 3.81
CA PHE A 142 -2.43 -15.38 5.04
C PHE A 142 -1.37 -15.39 6.14
N ASN A 143 -0.19 -15.91 5.85
CA ASN A 143 0.85 -16.01 6.88
C ASN A 143 1.28 -14.63 7.38
N ASP A 144 1.41 -13.67 6.46
CA ASP A 144 1.87 -12.33 6.85
C ASP A 144 0.83 -11.61 7.69
N VAL A 145 -0.46 -11.70 7.32
CA VAL A 145 -1.50 -11.08 8.14
C VAL A 145 -1.63 -11.79 9.48
N ASN A 146 -1.65 -13.14 9.47
CA ASN A 146 -1.77 -13.92 10.71
C ASN A 146 -0.63 -13.58 11.67
N SER A 147 0.58 -13.45 11.14
CA SER A 147 1.72 -13.12 11.99
CA SER A 147 1.74 -13.11 11.96
C SER A 147 1.60 -11.72 12.57
N ARG A 148 1.17 -10.76 11.75
CA ARG A 148 1.04 -9.38 12.20
C ARG A 148 0.00 -9.25 13.30
N LEU A 149 -1.06 -10.08 13.30
CA LEU A 149 -2.13 -10.01 14.30
C LEU A 149 -1.87 -10.81 15.57
N ASN A 150 -0.77 -11.54 15.67
CA ASN A 150 -0.56 -12.30 16.89
C ASN A 150 -0.20 -11.35 18.02
N HIS A 151 -0.97 -11.42 19.11
CA HIS A 151 -0.98 -10.48 20.25
C HIS A 151 -1.58 -9.11 19.92
N GLU A 154 -5.09 -6.13 23.34
CA GLU A 154 -5.15 -5.03 22.37
C GLU A 154 -5.92 -5.40 21.07
N ARG A 155 -7.24 -5.38 21.17
CA ARG A 155 -8.13 -5.76 20.07
C ARG A 155 -8.43 -4.52 19.22
N ALA A 156 -8.37 -4.68 17.90
CA ALA A 156 -8.71 -3.55 17.03
C ALA A 156 -10.22 -3.32 17.02
N ASN A 157 -10.60 -2.05 16.91
CA ASN A 157 -12.00 -1.70 16.77
C ASN A 157 -12.50 -1.91 15.35
N ARG A 158 -11.65 -1.67 14.35
CA ARG A 158 -11.99 -1.89 12.96
C ARG A 158 -10.75 -2.38 12.24
N VAL A 159 -10.94 -3.34 11.33
CA VAL A 159 -9.86 -3.88 10.52
C VAL A 159 -10.24 -3.73 9.06
N TYR A 160 -9.42 -3.00 8.29
CA TYR A 160 -9.65 -2.85 6.85
C TYR A 160 -8.88 -3.92 6.07
N ILE A 161 -9.51 -4.47 5.02
CA ILE A 161 -8.86 -5.42 4.12
C ILE A 161 -9.19 -4.96 2.70
N LEU A 162 -8.16 -4.65 1.91
CA LEU A 162 -8.31 -4.17 0.54
C LEU A 162 -7.40 -4.98 -0.38
N ASP A 163 -7.97 -5.60 -1.42
CA ASP A 163 -7.11 -6.28 -2.38
C ASP A 163 -7.86 -6.45 -3.70
N ASP A 164 -7.18 -6.18 -4.84
CA ASP A 164 -7.83 -6.36 -6.14
C ASP A 164 -7.88 -7.83 -6.55
N SER A 165 -7.00 -8.65 -6.00
CA SER A 165 -6.99 -10.08 -6.36
C SER A 165 -8.02 -10.83 -5.53
N PRO A 166 -8.98 -11.56 -6.14
CA PRO A 166 -9.96 -12.28 -5.31
C PRO A 166 -9.31 -13.28 -4.35
N THR A 167 -8.31 -14.03 -4.82
CA THR A 167 -7.77 -15.09 -3.99
C THR A 167 -6.88 -14.53 -2.88
N ASP A 168 -6.14 -13.44 -3.14
CA ASP A 168 -5.31 -12.85 -2.08
C ASP A 168 -6.15 -12.09 -1.08
N TYR A 169 -7.22 -11.43 -1.54
CA TYR A 169 -8.23 -10.90 -0.62
C TYR A 169 -8.77 -11.99 0.31
N ALA A 170 -9.15 -13.14 -0.25
CA ALA A 170 -9.72 -14.22 0.56
C ALA A 170 -8.71 -14.74 1.57
N GLU A 171 -7.43 -14.80 1.18
CA GLU A 171 -6.38 -15.20 2.11
C GLU A 171 -6.30 -14.24 3.29
N MET A 172 -6.31 -12.93 3.01
CA MET A 172 -6.23 -11.96 4.12
C MET A 172 -7.47 -12.04 5.00
N LEU A 173 -8.65 -12.16 4.40
CA LEU A 173 -9.86 -12.23 5.19
C LEU A 173 -9.86 -13.46 6.10
N ARG A 174 -9.39 -14.60 5.60
CA ARG A 174 -9.36 -15.82 6.42
C ARG A 174 -8.43 -15.63 7.62
N ALA A 175 -7.33 -14.92 7.42
CA ALA A 175 -6.44 -14.61 8.53
C ALA A 175 -7.16 -13.75 9.58
N VAL A 176 -7.88 -12.71 9.13
CA VAL A 176 -8.47 -11.79 10.10
C VAL A 176 -9.61 -12.47 10.87
N LYS A 177 -10.44 -13.23 10.17
CA LYS A 177 -11.50 -13.98 10.84
C LYS A 177 -10.92 -15.07 11.74
N GLY A 178 -9.80 -15.67 11.34
CA GLY A 178 -9.14 -16.64 12.20
C GLY A 178 -8.67 -16.07 13.53
N LYS A 179 -8.44 -14.77 13.59
CA LYS A 179 -8.04 -14.15 14.84
C LYS A 179 -9.22 -13.58 15.62
N GLY A 180 -10.45 -13.98 15.28
CA GLY A 180 -11.60 -13.67 16.10
C GLY A 180 -12.31 -12.36 15.81
N TYR A 181 -11.96 -11.67 14.73
CA TYR A 181 -12.68 -10.46 14.32
C TYR A 181 -13.99 -10.85 13.64
N ASN A 182 -15.08 -10.18 14.05
N ASN A 182 -15.08 -10.21 14.03
CA ASN A 182 -16.43 -10.46 13.56
CA ASN A 182 -16.38 -10.52 13.47
C ASN A 182 -16.78 -9.48 12.45
C ASN A 182 -16.81 -9.43 12.50
N GLU A 183 -18.01 -9.59 11.95
CA GLU A 183 -18.44 -8.77 10.82
C GLU A 183 -18.56 -7.28 11.16
N GLU A 184 -18.91 -6.94 12.40
CA GLU A 184 -19.01 -5.51 12.74
C GLU A 184 -17.64 -4.83 12.76
N GLU A 185 -16.56 -5.60 12.94
CA GLU A 185 -15.22 -5.04 13.02
C GLU A 185 -14.45 -5.13 11.71
N ILE A 186 -14.95 -5.83 10.70
CA ILE A 186 -14.24 -5.98 9.43
C ILE A 186 -14.88 -5.09 8.37
N ARG A 187 -14.03 -4.41 7.58
CA ARG A 187 -14.47 -3.67 6.38
C ARG A 187 -13.56 -4.16 5.27
N GLY A 188 -14.06 -5.10 4.48
CA GLY A 188 -13.30 -5.68 3.37
C GLY A 188 -13.77 -5.12 2.04
N TYR A 189 -12.81 -4.87 1.15
CA TYR A 189 -13.10 -4.29 -0.16
C TYR A 189 -12.31 -5.07 -1.19
N ARG A 190 -13.00 -5.85 -2.01
CA ARG A 190 -12.43 -6.52 -3.17
C ARG A 190 -12.94 -5.83 -4.44
N LYS A 191 -12.09 -4.97 -5.02
CA LYS A 191 -12.46 -4.13 -6.16
C LYS A 191 -11.46 -4.33 -7.29
N ASN A 192 -11.88 -4.09 -8.53
CA ASN A 192 -10.94 -4.11 -9.64
C ASN A 192 -10.02 -2.88 -9.57
N PRO A 193 -8.85 -2.93 -10.23
CA PRO A 193 -7.93 -1.78 -10.19
C PRO A 193 -8.60 -0.50 -10.64
N GLY A 194 -8.42 0.56 -9.87
CA GLY A 194 -9.02 1.83 -10.18
C GLY A 194 -10.42 2.02 -9.67
N GLU A 195 -11.02 1.01 -9.04
CA GLU A 195 -12.40 1.09 -8.60
C GLU A 195 -12.55 1.17 -7.09
N PHE A 196 -11.45 1.36 -6.35
CA PHE A 196 -11.57 1.54 -4.90
C PHE A 196 -12.02 2.96 -4.59
N GLU A 197 -12.70 3.12 -3.46
CA GLU A 197 -13.34 4.38 -3.12
C GLU A 197 -12.53 5.03 -2.00
N TRP A 198 -11.29 5.42 -2.33
CA TRP A 198 -10.38 5.87 -1.28
C TRP A 198 -10.93 7.06 -0.52
N SER A 199 -11.63 7.96 -1.22
CA SER A 199 -12.14 9.15 -0.52
C SER A 199 -13.24 8.78 0.46
N GLN A 200 -14.04 7.76 0.14
CA GLN A 200 -15.05 7.33 1.11
C GLN A 200 -14.42 6.62 2.30
N TYR A 201 -13.40 5.77 2.05
CA TYR A 201 -12.74 5.15 3.18
C TYR A 201 -12.10 6.20 4.09
N LEU A 202 -11.61 7.31 3.52
CA LEU A 202 -11.02 8.35 4.35
C LEU A 202 -12.05 8.95 5.29
N GLU A 203 -13.27 9.18 4.80
CA GLU A 203 -14.28 9.77 5.67
C GLU A 203 -14.79 8.76 6.69
N ASP A 204 -14.88 7.49 6.30
CA ASP A 204 -15.24 6.44 7.26
C ASP A 204 -14.24 6.36 8.39
N VAL A 205 -12.95 6.44 8.07
CA VAL A 205 -11.93 6.43 9.10
C VAL A 205 -12.05 7.66 9.99
N ARG A 206 -12.08 8.85 9.37
CA ARG A 206 -12.20 10.08 10.14
C ARG A 206 -13.41 10.08 11.05
N GLU A 207 -14.50 9.41 10.64
CA GLU A 207 -15.71 9.41 11.45
C GLU A 207 -15.54 8.61 12.74
N MET A 208 -14.66 7.62 12.77
CA MET A 208 -14.46 6.86 14.01
C MET A 208 -13.85 7.70 15.12
N PHE A 209 -13.19 8.81 14.78
CA PHE A 209 -12.48 9.62 15.74
C PHE A 209 -13.24 10.90 16.04
N PRO A 210 -12.99 11.52 17.19
CA PRO A 210 -13.62 12.80 17.47
C PRO A 210 -13.12 13.84 16.49
N PRO A 211 -13.92 14.89 16.24
CA PRO A 211 -13.50 15.94 15.30
C PRO A 211 -12.73 17.07 16.00
MG MG B . -2.89 -6.31 -6.46
CL CL C . 0.34 -8.94 -4.21
#